data_2Q9E
#
_entry.id   2Q9E
#
_cell.length_a   57.989
_cell.length_b   67.140
_cell.length_c   165.919
_cell.angle_alpha   90.00
_cell.angle_beta   90.00
_cell.angle_gamma   90.00
#
_symmetry.space_group_name_H-M   'P 21 21 21'
#
loop_
_entity.id
_entity.type
_entity.pdbx_description
1 polymer Lysozyme
2 non-polymer 'S-[(1-oxyl-2,2,5,5-tetramethyl-2,5-dihydro-1H-pyrrol-3-yl)methyl] methanesulfonothioate'
3 non-polymer '2-HYDROXYETHYL DISULFIDE'
4 water water
#
_entity_poly.entity_id   1
_entity_poly.type   'polypeptide(L)'
_entity_poly.pdbx_seq_one_letter_code
;MNIFEMLRIDEGLRLKIYKDTEGYYTIGIGHLLTKSPSLNAAKCELDKAIGRNTAGVITKDEAEKLFNQDVDAAVRGILR
NAKLKPVYDSLDAVRRAALINMVFQMGETGVAGFTNSLRMLQQKRWDEAAVNLAKSRWYNQTPNRAKRVITTFRTGTWDA
YKNL
;
_entity_poly.pdbx_strand_id   A,B,C
#
loop_
_chem_comp.id
_chem_comp.type
_chem_comp.name
_chem_comp.formula
HED non-polymer '2-HYDROXYETHYL DISULFIDE' 'C4 H10 O2 S2'
MTN non-polymer 'S-[(1-oxyl-2,2,5,5-tetramethyl-2,5-dihydro-1H-pyrrol-3-yl)methyl] methanesulfonothioate' 'C10 H18 N O3 S2'
#
# COMPACT_ATOMS: atom_id res chain seq x y z
N MET A 1 -21.80 -19.06 -22.42
CA MET A 1 -21.68 -18.59 -21.00
C MET A 1 -21.12 -19.70 -20.13
N ASN A 2 -20.57 -19.33 -18.98
CA ASN A 2 -20.00 -20.30 -18.07
C ASN A 2 -20.12 -19.79 -16.63
N ILE A 3 -19.69 -20.60 -15.66
CA ILE A 3 -19.82 -20.21 -14.27
C ILE A 3 -19.20 -18.86 -13.95
N PHE A 4 -18.06 -18.53 -14.53
CA PHE A 4 -17.44 -17.26 -14.24
C PHE A 4 -18.31 -16.09 -14.67
N GLU A 5 -18.79 -16.15 -15.91
CA GLU A 5 -19.64 -15.09 -16.47
C GLU A 5 -20.96 -15.01 -15.70
N MET A 6 -21.52 -16.16 -15.35
CA MET A 6 -22.77 -16.24 -14.61
C MET A 6 -22.64 -15.50 -13.27
N LEU A 7 -21.63 -15.88 -12.50
CA LEU A 7 -21.39 -15.25 -11.20
C LEU A 7 -21.01 -13.78 -11.31
N ARG A 8 -20.27 -13.44 -12.36
CA ARG A 8 -19.89 -12.03 -12.53
C ARG A 8 -21.17 -11.20 -12.64
N ILE A 9 -22.19 -11.76 -13.31
CA ILE A 9 -23.48 -11.11 -13.46
C ILE A 9 -24.10 -10.91 -12.09
N ASP A 10 -24.26 -12.01 -11.37
CA ASP A 10 -24.89 -12.01 -10.05
C ASP A 10 -24.22 -11.22 -8.96
N GLU A 11 -22.88 -11.21 -8.96
CA GLU A 11 -22.16 -10.51 -7.89
C GLU A 11 -21.75 -9.09 -8.21
N GLY A 12 -21.55 -8.78 -9.48
CA GLY A 12 -21.11 -7.45 -9.82
C GLY A 12 -19.62 -7.31 -9.51
N LEU A 13 -19.09 -6.10 -9.59
CA LEU A 13 -17.68 -5.85 -9.33
C LEU A 13 -17.51 -4.54 -8.58
N ARG A 14 -16.99 -4.62 -7.36
CA ARG A 14 -16.76 -3.43 -6.55
C ARG A 14 -15.26 -3.35 -6.20
N LEU A 15 -14.67 -2.16 -6.37
CA LEU A 15 -13.26 -2.02 -6.09
C LEU A 15 -13.01 -1.50 -4.66
N LYS A 16 -14.10 -1.21 -3.95
CA LYS A 16 -14.01 -0.73 -2.58
C LYS A 16 -14.87 -1.62 -1.74
N ILE A 17 -14.62 -1.61 -0.44
CA ILE A 17 -15.40 -2.43 0.51
C ILE A 17 -16.86 -2.00 0.62
N TYR A 18 -17.78 -2.97 0.62
CA TYR A 18 -19.19 -2.67 0.78
C TYR A 18 -19.75 -3.75 1.70
N LYS A 19 -21.02 -3.63 2.06
CA LYS A 19 -21.61 -4.65 2.92
C LYS A 19 -22.59 -5.48 2.11
N ASP A 20 -22.61 -6.79 2.34
CA ASP A 20 -23.53 -7.63 1.61
C ASP A 20 -24.91 -7.54 2.29
N THR A 21 -25.91 -8.23 1.76
CA THR A 21 -27.25 -8.14 2.34
C THR A 21 -27.35 -8.65 3.77
N GLU A 22 -26.25 -9.22 4.26
CA GLU A 22 -26.19 -9.71 5.63
C GLU A 22 -25.48 -8.64 6.46
N GLY A 23 -25.07 -7.57 5.80
CA GLY A 23 -24.34 -6.51 6.46
C GLY A 23 -22.86 -6.82 6.66
N TYR A 24 -22.36 -7.87 6.00
CA TYR A 24 -20.94 -8.27 6.12
C TYR A 24 -20.05 -7.60 5.09
N TYR A 25 -18.89 -7.13 5.53
CA TYR A 25 -17.91 -6.48 4.64
C TYR A 25 -17.48 -7.41 3.50
N THR A 26 -17.62 -6.90 2.29
CA THR A 26 -17.32 -7.66 1.08
C THR A 26 -16.57 -6.77 0.11
N ILE A 27 -15.94 -7.38 -0.90
CA ILE A 27 -15.24 -6.61 -1.93
C ILE A 27 -15.12 -7.42 -3.24
N GLY A 28 -14.85 -6.70 -4.31
CA GLY A 28 -14.66 -7.31 -5.61
C GLY A 28 -15.91 -7.94 -6.20
N ILE A 29 -15.81 -9.23 -6.53
CA ILE A 29 -16.93 -9.97 -7.11
C ILE A 29 -17.43 -10.97 -6.08
N GLY A 30 -18.14 -10.42 -5.09
CA GLY A 30 -18.72 -11.23 -4.03
C GLY A 30 -17.74 -11.88 -3.09
N HIS A 31 -16.60 -11.26 -2.85
CA HIS A 31 -15.62 -11.83 -1.92
C HIS A 31 -15.89 -11.42 -0.48
N LEU A 32 -16.39 -12.33 0.33
CA LEU A 32 -16.64 -11.99 1.74
C LEU A 32 -15.28 -11.83 2.42
N LEU A 33 -15.09 -10.72 3.13
CA LEU A 33 -13.83 -10.46 3.82
C LEU A 33 -13.81 -10.99 5.24
N THR A 34 -14.91 -10.77 5.94
CA THR A 34 -15.04 -11.21 7.32
C THR A 34 -16.46 -10.94 7.78
N LYS A 35 -16.86 -11.58 8.88
CA LYS A 35 -18.19 -11.35 9.43
C LYS A 35 -18.13 -10.30 10.54
N SER A 36 -16.92 -9.91 10.93
CA SER A 36 -16.71 -8.92 11.98
C SER A 36 -17.32 -7.56 11.63
N PRO A 37 -17.89 -6.86 12.63
CA PRO A 37 -18.50 -5.56 12.35
C PRO A 37 -17.45 -4.44 12.27
N SER A 38 -16.20 -4.78 12.57
CA SER A 38 -15.12 -3.80 12.52
C SER A 38 -14.60 -3.60 11.11
N LEU A 39 -14.75 -2.39 10.58
CA LEU A 39 -14.27 -2.09 9.25
C LEU A 39 -12.74 -2.18 9.24
N ASN A 40 -12.09 -1.82 10.35
CA ASN A 40 -10.64 -1.88 10.39
C ASN A 40 -10.17 -3.33 10.27
N ALA A 41 -10.86 -4.24 10.96
CA ALA A 41 -10.54 -5.65 10.89
C ALA A 41 -10.72 -6.12 9.46
N ALA A 42 -11.77 -5.62 8.79
CA ALA A 42 -12.05 -5.99 7.41
C ALA A 42 -10.96 -5.46 6.46
N LYS A 43 -10.45 -4.26 6.73
CA LYS A 43 -9.41 -3.70 5.88
C LYS A 43 -8.12 -4.50 6.00
N CYS A 44 -7.85 -5.03 7.18
CA CYS A 44 -6.66 -5.82 7.39
C CYS A 44 -6.84 -7.18 6.73
N GLU A 45 -8.07 -7.72 6.74
CA GLU A 45 -8.30 -9.01 6.06
C GLU A 45 -8.02 -8.80 4.58
N LEU A 46 -8.44 -7.65 4.06
CA LEU A 46 -8.21 -7.36 2.66
C LEU A 46 -6.71 -7.31 2.34
N ASP A 47 -5.94 -6.57 3.14
CA ASP A 47 -4.50 -6.47 2.91
C ASP A 47 -3.88 -7.85 2.97
N LYS A 48 -4.37 -8.65 3.91
CA LYS A 48 -3.85 -10.00 4.07
C LYS A 48 -4.15 -10.83 2.82
N ALA A 49 -5.37 -10.70 2.31
CA ALA A 49 -5.81 -11.45 1.14
C ALA A 49 -5.13 -10.99 -0.14
N ILE A 50 -4.85 -9.70 -0.26
CA ILE A 50 -4.22 -9.20 -1.48
C ILE A 50 -2.68 -9.25 -1.44
N GLY A 51 -2.12 -9.10 -0.25
CA GLY A 51 -0.68 -9.14 -0.12
C GLY A 51 0.01 -7.78 -0.14
N ARG A 52 -0.74 -6.71 0.08
CA ARG A 52 -0.16 -5.37 0.10
C ARG A 52 -1.07 -4.44 0.92
N ASN A 53 -0.60 -3.23 1.20
CA ASN A 53 -1.38 -2.24 1.93
C ASN A 53 -2.27 -1.61 0.82
N THR A 54 -3.56 -1.99 0.83
CA THR A 54 -4.54 -1.55 -0.17
C THR A 54 -5.30 -0.27 0.18
N ALA A 55 -5.24 0.13 1.45
CA ALA A 55 -5.96 1.28 1.94
C ALA A 55 -7.45 1.07 1.61
N GLY A 56 -7.84 -0.20 1.50
CA GLY A 56 -9.23 -0.55 1.23
C GLY A 56 -9.71 -0.54 -0.21
N VAL A 57 -8.78 -0.37 -1.16
CA VAL A 57 -9.10 -0.32 -2.58
C VAL A 57 -8.29 -1.34 -3.39
N ILE A 58 -8.94 -2.08 -4.28
CA ILE A 58 -8.20 -3.06 -5.10
C ILE A 58 -8.44 -2.75 -6.56
N THR A 59 -7.67 -3.39 -7.42
CA THR A 59 -7.84 -3.25 -8.86
C THR A 59 -8.75 -4.40 -9.36
N LYS A 60 -9.14 -4.27 -10.61
CA LYS A 60 -9.96 -5.25 -11.28
C LYS A 60 -9.22 -6.59 -11.33
N ASP A 61 -7.94 -6.55 -11.67
CA ASP A 61 -7.17 -7.80 -11.71
C ASP A 61 -7.13 -8.47 -10.35
N GLU A 62 -7.02 -7.68 -9.29
CA GLU A 62 -6.99 -8.26 -7.96
C GLU A 62 -8.33 -8.84 -7.64
N ALA A 63 -9.40 -8.15 -8.07
CA ALA A 63 -10.75 -8.65 -7.83
C ALA A 63 -10.94 -10.00 -8.54
N GLU A 64 -10.44 -10.09 -9.76
CA GLU A 64 -10.56 -11.32 -10.53
C GLU A 64 -9.74 -12.45 -9.93
N LYS A 65 -8.61 -12.12 -9.31
CA LYS A 65 -7.79 -13.15 -8.67
C LYS A 65 -8.57 -13.72 -7.50
N LEU A 66 -9.15 -12.85 -6.66
CA LEU A 66 -9.96 -13.35 -5.54
C LEU A 66 -11.10 -14.20 -6.10
N PHE A 67 -11.69 -13.73 -7.20
CA PHE A 67 -12.80 -14.45 -7.83
C PHE A 67 -12.38 -15.88 -8.26
N ASN A 68 -11.23 -16.00 -8.93
CA ASN A 68 -10.77 -17.32 -9.36
C ASN A 68 -10.56 -18.22 -8.15
N GLN A 69 -10.00 -17.68 -7.06
CA GLN A 69 -9.76 -18.46 -5.85
C GLN A 69 -11.12 -18.90 -5.30
N ASP A 70 -12.08 -17.98 -5.32
CA ASP A 70 -13.41 -18.30 -4.78
C ASP A 70 -14.21 -19.35 -5.58
N VAL A 71 -14.14 -19.30 -6.91
CA VAL A 71 -14.88 -20.29 -7.70
C VAL A 71 -14.21 -21.65 -7.50
N ASP A 72 -12.90 -21.65 -7.45
CA ASP A 72 -12.14 -22.86 -7.23
C ASP A 72 -12.53 -23.48 -5.90
N ALA A 73 -12.60 -22.64 -4.86
CA ALA A 73 -12.96 -23.14 -3.53
C ALA A 73 -14.38 -23.70 -3.54
N ALA A 74 -15.27 -23.06 -4.32
CA ALA A 74 -16.66 -23.53 -4.36
C ALA A 74 -16.78 -24.90 -5.06
N VAL A 75 -16.02 -25.08 -6.13
CA VAL A 75 -16.01 -26.34 -6.86
C VAL A 75 -15.37 -27.42 -6.01
N ARG A 76 -14.26 -27.11 -5.36
CA ARG A 76 -13.62 -28.11 -4.49
C ARG A 76 -14.56 -28.44 -3.33
N GLY A 77 -15.26 -27.44 -2.82
CA GLY A 77 -16.19 -27.69 -1.73
C GLY A 77 -17.28 -28.68 -2.15
N ILE A 78 -17.76 -28.56 -3.37
CA ILE A 78 -18.77 -29.49 -3.85
C ILE A 78 -18.18 -30.91 -4.05
N LEU A 79 -17.00 -31.00 -4.64
CA LEU A 79 -16.42 -32.31 -4.92
C LEU A 79 -16.04 -33.11 -3.71
N ARG A 80 -15.80 -32.46 -2.57
CA ARG A 80 -15.45 -33.20 -1.36
C ARG A 80 -16.63 -33.33 -0.39
N ASN A 81 -17.82 -32.94 -0.84
CA ASN A 81 -19.02 -33.00 -0.01
C ASN A 81 -19.92 -34.20 -0.39
N ALA A 82 -20.15 -35.08 0.60
CA ALA A 82 -20.96 -36.29 0.41
C ALA A 82 -22.37 -36.05 -0.14
N LYS A 83 -23.01 -34.95 0.25
CA LYS A 83 -24.36 -34.67 -0.26
C LYS A 83 -24.33 -33.96 -1.62
N LEU A 84 -23.43 -32.99 -1.74
CA LEU A 84 -23.33 -32.23 -2.98
C LEU A 84 -22.70 -32.95 -4.19
N LYS A 85 -21.61 -33.69 -3.96
CA LYS A 85 -20.94 -34.37 -5.08
C LYS A 85 -21.83 -35.24 -5.98
N PRO A 86 -22.60 -36.16 -5.39
CA PRO A 86 -23.48 -37.05 -6.16
C PRO A 86 -24.44 -36.27 -7.04
N VAL A 87 -25.00 -35.19 -6.50
CA VAL A 87 -25.95 -34.37 -7.25
C VAL A 87 -25.24 -33.68 -8.40
N TYR A 88 -24.08 -33.11 -8.10
CA TYR A 88 -23.25 -32.40 -9.08
C TYR A 88 -22.87 -33.34 -10.22
N ASP A 89 -22.52 -34.58 -9.89
CA ASP A 89 -22.18 -35.55 -10.92
C ASP A 89 -23.35 -35.73 -11.88
N SER A 90 -24.56 -35.83 -11.34
CA SER A 90 -25.75 -36.06 -12.15
C SER A 90 -26.19 -34.89 -13.04
N LEU A 91 -25.79 -33.67 -12.67
CA LEU A 91 -26.19 -32.49 -13.43
C LEU A 91 -25.47 -32.24 -14.74
N ASP A 92 -26.20 -31.61 -15.65
CA ASP A 92 -25.67 -31.21 -16.94
C ASP A 92 -24.84 -29.97 -16.61
N ALA A 93 -24.12 -29.47 -17.60
CA ALA A 93 -23.25 -28.30 -17.43
C ALA A 93 -23.88 -27.05 -16.86
N VAL A 94 -24.97 -26.60 -17.48
CA VAL A 94 -25.60 -25.39 -17.02
C VAL A 94 -26.08 -25.53 -15.59
N ARG A 95 -26.72 -26.64 -15.27
CA ARG A 95 -27.22 -26.83 -13.92
C ARG A 95 -26.07 -26.96 -12.92
N ARG A 96 -24.94 -27.53 -13.35
CA ARG A 96 -23.78 -27.65 -12.46
C ARG A 96 -23.35 -26.23 -12.08
N ALA A 97 -23.44 -25.32 -13.04
CA ALA A 97 -23.09 -23.93 -12.80
C ALA A 97 -24.00 -23.32 -11.73
N ALA A 98 -25.28 -23.65 -11.78
CA ALA A 98 -26.20 -23.11 -10.79
C ALA A 98 -25.81 -23.63 -9.41
N LEU A 99 -25.37 -24.88 -9.33
CA LEU A 99 -24.97 -25.43 -8.03
C LEU A 99 -23.74 -24.70 -7.52
N ILE A 100 -22.72 -24.56 -8.35
CA ILE A 100 -21.51 -23.83 -7.98
C ILE A 100 -21.89 -22.41 -7.51
N ASN A 101 -22.82 -21.79 -8.21
CA ASN A 101 -23.26 -20.43 -7.84
C ASN A 101 -23.78 -20.43 -6.39
N MET A 102 -24.69 -21.34 -6.06
CA MET A 102 -25.21 -21.41 -4.71
C MET A 102 -24.07 -21.57 -3.69
N VAL A 103 -23.15 -22.51 -3.95
CA VAL A 103 -22.03 -22.74 -3.00
C VAL A 103 -21.15 -21.51 -2.87
N PHE A 104 -20.88 -20.85 -3.98
CA PHE A 104 -20.08 -19.64 -3.96
C PHE A 104 -20.78 -18.63 -3.07
N GLN A 105 -22.08 -18.47 -3.23
CA GLN A 105 -22.80 -17.51 -2.42
C GLN A 105 -23.02 -17.87 -0.94
N MET A 106 -23.39 -19.09 -0.64
CA MET A 106 -23.66 -19.39 0.76
C MET A 106 -22.84 -20.46 1.44
N GLY A 107 -21.84 -21.00 0.76
CA GLY A 107 -21.01 -22.02 1.37
C GLY A 107 -21.47 -23.45 1.19
N GLU A 108 -20.49 -24.34 1.20
CA GLU A 108 -20.70 -25.77 1.05
C GLU A 108 -21.73 -26.32 2.04
N THR A 109 -21.50 -26.06 3.31
CA THR A 109 -22.39 -26.56 4.33
C THR A 109 -23.82 -26.04 4.20
N GLY A 110 -23.97 -24.75 3.92
CA GLY A 110 -25.30 -24.19 3.74
C GLY A 110 -26.09 -24.82 2.59
N VAL A 111 -25.44 -25.02 1.46
CA VAL A 111 -26.13 -25.61 0.32
C VAL A 111 -26.42 -27.08 0.56
N ALA A 112 -25.50 -27.76 1.23
CA ALA A 112 -25.69 -29.17 1.50
C ALA A 112 -26.93 -29.40 2.36
N GLY A 113 -27.42 -28.35 3.00
CA GLY A 113 -28.60 -28.47 3.82
C GLY A 113 -29.92 -28.44 3.05
N PHE A 114 -29.86 -28.14 1.76
CA PHE A 114 -31.09 -28.11 0.94
C PHE A 114 -31.39 -29.56 0.57
N THR A 115 -31.57 -30.39 1.59
CA THR A 115 -31.82 -31.81 1.43
C THR A 115 -32.87 -32.23 0.42
N ASN A 116 -34.06 -31.65 0.50
CA ASN A 116 -35.14 -32.01 -0.41
C ASN A 116 -34.86 -31.53 -1.82
N SER A 117 -34.37 -30.29 -1.92
CA SER A 117 -34.06 -29.73 -3.23
C SER A 117 -33.02 -30.61 -3.93
N LEU A 118 -31.99 -30.99 -3.19
CA LEU A 118 -30.93 -31.79 -3.76
C LEU A 118 -31.49 -33.12 -4.26
N ARG A 119 -32.42 -33.68 -3.48
CA ARG A 119 -33.02 -34.96 -3.88
C ARG A 119 -33.74 -34.78 -5.20
N MET A 120 -34.58 -33.75 -5.29
CA MET A 120 -35.32 -33.47 -6.53
C MET A 120 -34.38 -33.24 -7.71
N LEU A 121 -33.28 -32.52 -7.48
CA LEU A 121 -32.31 -32.26 -8.55
C LEU A 121 -31.66 -33.54 -9.04
N GLN A 122 -31.32 -34.43 -8.10
CA GLN A 122 -30.68 -35.68 -8.50
C GLN A 122 -31.67 -36.56 -9.28
N GLN A 123 -32.96 -36.32 -9.08
CA GLN A 123 -33.99 -37.08 -9.75
C GLN A 123 -34.55 -36.37 -10.95
N LYS A 124 -33.96 -35.22 -11.28
CA LYS A 124 -34.37 -34.44 -12.43
C LYS A 124 -35.84 -34.03 -12.39
N ARG A 125 -36.36 -33.88 -11.19
CA ARG A 125 -37.72 -33.42 -10.98
C ARG A 125 -37.53 -31.90 -10.85
N TRP A 126 -37.22 -31.27 -11.97
CA TRP A 126 -36.92 -29.84 -12.01
C TRP A 126 -37.99 -28.90 -11.46
N ASP A 127 -39.24 -29.13 -11.82
CA ASP A 127 -40.31 -28.28 -11.33
C ASP A 127 -40.41 -28.33 -9.81
N GLU A 128 -40.32 -29.55 -9.29
CA GLU A 128 -40.40 -29.74 -7.86
C GLU A 128 -39.18 -29.16 -7.18
N ALA A 129 -38.01 -29.31 -7.81
CA ALA A 129 -36.76 -28.77 -7.26
C ALA A 129 -36.89 -27.26 -7.10
N ALA A 130 -37.37 -26.60 -8.15
CA ALA A 130 -37.51 -25.16 -8.13
C ALA A 130 -38.36 -24.68 -6.96
N VAL A 131 -39.46 -25.39 -6.69
CA VAL A 131 -40.36 -25.04 -5.59
C VAL A 131 -39.67 -25.26 -4.25
N ASN A 132 -39.03 -26.41 -4.08
CA ASN A 132 -38.31 -26.70 -2.83
C ASN A 132 -37.20 -25.68 -2.56
N LEU A 133 -36.49 -25.27 -3.61
CA LEU A 133 -35.39 -24.30 -3.44
C LEU A 133 -35.84 -22.97 -2.87
N ALA A 134 -37.09 -22.59 -3.16
CA ALA A 134 -37.61 -21.33 -2.67
C ALA A 134 -38.03 -21.38 -1.21
N LYS A 135 -38.11 -22.57 -0.62
CA LYS A 135 -38.47 -22.67 0.79
C LYS A 135 -37.17 -22.46 1.53
N SER A 136 -36.68 -21.23 1.54
CA SER A 136 -35.40 -20.98 2.19
C SER A 136 -35.18 -19.50 2.41
N ARG A 137 -34.36 -19.20 3.41
CA ARG A 137 -34.03 -17.82 3.75
C ARG A 137 -33.41 -17.14 2.53
N TRP A 138 -32.65 -17.93 1.76
CA TRP A 138 -31.99 -17.46 0.55
C TRP A 138 -32.98 -16.81 -0.42
N TYR A 139 -34.06 -17.53 -0.73
CA TYR A 139 -35.06 -17.04 -1.65
C TYR A 139 -35.56 -15.66 -1.24
N ASN A 140 -35.62 -15.42 0.06
CA ASN A 140 -36.08 -14.13 0.56
C ASN A 140 -35.00 -13.09 0.78
N GLN A 141 -33.78 -13.52 1.13
CA GLN A 141 -32.68 -12.57 1.35
C GLN A 141 -32.18 -11.93 0.07
N THR A 142 -32.05 -12.74 -0.99
CA THR A 142 -31.57 -12.24 -2.27
C THR A 142 -32.51 -12.81 -3.34
N PRO A 143 -33.77 -12.34 -3.35
CA PRO A 143 -34.78 -12.80 -4.31
C PRO A 143 -34.43 -12.85 -5.78
N ASN A 144 -34.00 -11.74 -6.37
CA ASN A 144 -33.75 -11.76 -7.80
C ASN A 144 -32.59 -12.66 -8.21
N ARG A 145 -31.62 -12.81 -7.32
CA ARG A 145 -30.48 -13.65 -7.61
C ARG A 145 -30.94 -15.12 -7.51
N ALA A 146 -31.67 -15.42 -6.44
CA ALA A 146 -32.16 -16.76 -6.25
C ALA A 146 -33.11 -17.16 -7.40
N LYS A 147 -33.86 -16.20 -7.92
CA LYS A 147 -34.77 -16.52 -9.02
C LYS A 147 -34.00 -16.89 -10.26
N ARG A 148 -32.94 -16.15 -10.58
CA ARG A 148 -32.15 -16.48 -11.77
C ARG A 148 -31.55 -17.86 -11.62
N VAL A 149 -31.04 -18.16 -10.43
CA VAL A 149 -30.42 -19.46 -10.22
C VAL A 149 -31.45 -20.58 -10.26
N ILE A 150 -32.60 -20.36 -9.61
CA ILE A 150 -33.65 -21.35 -9.59
C ILE A 150 -34.18 -21.63 -11.00
N THR A 151 -34.46 -20.57 -11.74
CA THR A 151 -34.95 -20.70 -13.10
C THR A 151 -33.95 -21.45 -13.95
N THR A 152 -32.66 -21.29 -13.65
CA THR A 152 -31.60 -21.97 -14.39
C THR A 152 -31.67 -23.46 -14.07
N PHE A 153 -31.92 -23.78 -12.81
CA PHE A 153 -32.04 -25.17 -12.41
C PHE A 153 -33.29 -25.78 -13.09
N ARG A 154 -34.32 -24.98 -13.28
CA ARG A 154 -35.51 -25.55 -13.89
C ARG A 154 -35.38 -25.76 -15.40
N THR A 155 -34.96 -24.75 -16.13
CA THR A 155 -34.85 -24.83 -17.58
C THR A 155 -33.59 -25.51 -18.09
N GLY A 156 -32.51 -25.43 -17.32
CA GLY A 156 -31.28 -26.03 -17.79
C GLY A 156 -30.69 -25.17 -18.91
N THR A 157 -31.13 -23.91 -18.99
CA THR A 157 -30.65 -22.98 -20.01
C THR A 157 -30.11 -21.69 -19.36
N TRP A 158 -29.44 -20.86 -20.15
CA TRP A 158 -28.89 -19.61 -19.66
C TRP A 158 -29.83 -18.45 -19.86
N ASP A 159 -31.09 -18.74 -20.14
CA ASP A 159 -32.04 -17.66 -20.42
C ASP A 159 -32.20 -16.60 -19.35
N ALA A 160 -32.11 -16.98 -18.08
CA ALA A 160 -32.26 -15.99 -17.00
C ALA A 160 -31.13 -14.99 -16.97
N TYR A 161 -30.06 -15.28 -17.72
CA TYR A 161 -28.91 -14.40 -17.75
C TYR A 161 -28.73 -13.68 -19.08
N LYS A 162 -28.95 -14.40 -20.17
CA LYS A 162 -28.81 -13.84 -21.52
C LYS A 162 -29.75 -12.66 -21.78
N ASN A 163 -30.88 -12.62 -21.07
CA ASN A 163 -31.83 -11.51 -21.25
C ASN A 163 -31.11 -10.24 -20.85
N LEU A 164 -30.39 -10.32 -19.74
CA LEU A 164 -29.62 -9.22 -19.17
C LEU A 164 -28.46 -8.85 -20.09
N MET B 1 17.70 -16.32 15.13
CA MET B 1 17.46 -14.90 14.73
C MET B 1 17.50 -13.99 15.96
N ASN B 2 18.04 -12.78 15.78
CA ASN B 2 18.12 -11.82 16.88
C ASN B 2 17.86 -10.40 16.36
N ILE B 3 17.75 -9.45 17.28
CA ILE B 3 17.44 -8.08 16.92
C ILE B 3 18.38 -7.48 15.87
N PHE B 4 19.66 -7.86 15.90
CA PHE B 4 20.62 -7.34 14.93
C PHE B 4 20.33 -7.80 13.53
N GLU B 5 20.09 -9.10 13.37
CA GLU B 5 19.81 -9.65 12.05
C GLU B 5 18.46 -9.13 11.55
N MET B 6 17.51 -9.00 12.47
CA MET B 6 16.19 -8.50 12.12
C MET B 6 16.30 -7.08 11.56
N LEU B 7 16.94 -6.18 12.30
CA LEU B 7 17.07 -4.81 11.82
C LEU B 7 17.93 -4.68 10.57
N ARG B 8 18.93 -5.53 10.40
CA ARG B 8 19.76 -5.45 9.21
C ARG B 8 18.89 -5.72 7.98
N ILE B 9 17.92 -6.62 8.12
CA ILE B 9 17.02 -6.95 7.02
C ILE B 9 16.05 -5.80 6.73
N ASP B 10 15.54 -5.17 7.78
CA ASP B 10 14.59 -4.08 7.60
C ASP B 10 15.23 -2.77 7.18
N GLU B 11 16.45 -2.50 7.65
CA GLU B 11 17.14 -1.25 7.35
C GLU B 11 18.07 -1.28 6.15
N GLY B 12 18.56 -2.47 5.80
CA GLY B 12 19.49 -2.57 4.69
C GLY B 12 20.79 -1.90 5.11
N LEU B 13 21.76 -1.82 4.20
CA LEU B 13 23.05 -1.20 4.52
C LEU B 13 23.45 -0.27 3.40
N ARG B 14 23.60 1.02 3.69
CA ARG B 14 24.01 2.00 2.68
C ARG B 14 25.25 2.76 3.13
N LEU B 15 26.23 2.86 2.23
CA LEU B 15 27.47 3.53 2.57
C LEU B 15 27.53 5.01 2.19
N LYS B 16 26.49 5.50 1.53
CA LYS B 16 26.46 6.91 1.15
C LYS B 16 25.21 7.48 1.77
N ILE B 17 25.18 8.79 1.92
CA ILE B 17 24.01 9.43 2.49
C ILE B 17 22.83 9.32 1.55
N TYR B 18 21.65 9.00 2.09
CA TYR B 18 20.45 8.90 1.27
C TYR B 18 19.28 9.44 2.08
N LYS B 19 18.16 9.70 1.44
CA LYS B 19 16.97 10.18 2.15
C LYS B 19 16.10 8.98 2.47
N ASP B 20 15.49 8.96 3.66
CA ASP B 20 14.63 7.86 4.01
C ASP B 20 13.23 8.21 3.47
N THR B 21 12.26 7.36 3.76
CA THR B 21 10.89 7.57 3.28
C THR B 21 10.32 8.89 3.76
N GLU B 22 10.82 9.40 4.89
CA GLU B 22 10.32 10.65 5.41
C GLU B 22 11.10 11.84 4.89
N GLY B 23 12.06 11.58 4.01
CA GLY B 23 12.85 12.66 3.44
C GLY B 23 14.03 13.11 4.29
N TYR B 24 14.32 12.40 5.37
CA TYR B 24 15.43 12.73 6.27
C TYR B 24 16.74 12.08 5.85
N TYR B 25 17.84 12.82 5.94
CA TYR B 25 19.13 12.26 5.58
C TYR B 25 19.51 11.17 6.56
N THR B 26 19.94 10.07 5.98
CA THR B 26 20.25 8.84 6.70
C THR B 26 21.47 8.16 6.10
N ILE B 27 22.08 7.24 6.82
CA ILE B 27 23.20 6.51 6.27
C ILE B 27 23.37 5.20 7.01
N GLY B 28 24.20 4.32 6.47
CA GLY B 28 24.47 3.04 7.11
C GLY B 28 23.26 2.13 7.24
N ILE B 29 23.06 1.60 8.44
CA ILE B 29 21.92 0.73 8.70
C ILE B 29 20.88 1.53 9.47
N GLY B 30 20.11 2.33 8.74
CA GLY B 30 19.09 3.13 9.38
C GLY B 30 19.56 4.22 10.33
N HIS B 31 20.77 4.73 10.16
CA HIS B 31 21.22 5.81 11.05
C HIS B 31 20.75 7.16 10.55
N LEU B 32 19.85 7.78 11.30
CA LEU B 32 19.36 9.10 10.92
C LEU B 32 20.45 10.15 11.19
N LEU B 33 20.73 11.02 10.22
CA LEU B 33 21.74 12.06 10.41
C LEU B 33 21.08 13.39 10.80
N THR B 34 20.01 13.76 10.12
CA THR B 34 19.33 15.00 10.43
C THR B 34 17.97 15.07 9.76
N LYS B 35 17.05 15.81 10.36
CA LYS B 35 15.71 15.96 9.79
C LYS B 35 15.71 17.25 8.98
N SER B 36 16.82 17.96 9.05
CA SER B 36 17.00 19.22 8.35
C SER B 36 17.17 18.96 6.85
N PRO B 37 16.56 19.81 6.01
CA PRO B 37 16.73 19.54 4.57
C PRO B 37 18.17 19.57 4.06
N SER B 38 18.99 20.42 4.62
CA SER B 38 20.38 20.56 4.21
C SER B 38 21.26 19.31 4.07
N LEU B 39 21.75 19.06 2.86
CA LEU B 39 22.63 17.92 2.63
C LEU B 39 23.96 18.18 3.30
N ASN B 40 24.40 19.44 3.27
CA ASN B 40 25.66 19.79 3.89
C ASN B 40 25.57 19.59 5.41
N ALA B 41 24.44 19.99 6.01
CA ALA B 41 24.28 19.80 7.45
C ALA B 41 24.37 18.31 7.75
N ALA B 42 23.77 17.50 6.88
CA ALA B 42 23.82 16.06 7.06
C ALA B 42 25.26 15.56 6.96
N LYS B 43 26.01 16.05 5.99
CA LYS B 43 27.41 15.62 5.85
C LYS B 43 28.24 15.98 7.09
N CYS B 44 27.93 17.14 7.68
CA CYS B 44 28.62 17.57 8.89
C CYS B 44 28.21 16.65 10.04
N GLU B 45 26.93 16.35 10.19
CA GLU B 45 26.55 15.43 11.27
C GLU B 45 27.30 14.10 11.10
N LEU B 46 27.51 13.67 9.87
CA LEU B 46 28.21 12.41 9.66
C LEU B 46 29.65 12.47 10.15
N ASP B 47 30.38 13.53 9.77
CA ASP B 47 31.76 13.69 10.22
C ASP B 47 31.79 13.69 11.76
N LYS B 48 30.84 14.40 12.35
CA LYS B 48 30.77 14.44 13.81
C LYS B 48 30.53 13.02 14.35
N ALA B 49 29.58 12.30 13.78
CA ALA B 49 29.28 10.94 14.25
C ALA B 49 30.47 9.99 14.12
N ILE B 50 31.18 10.07 13.00
CA ILE B 50 32.30 9.17 12.75
C ILE B 50 33.65 9.68 13.25
N GLY B 51 33.81 10.99 13.34
CA GLY B 51 35.07 11.53 13.81
C GLY B 51 36.19 11.64 12.79
N ARG B 52 35.83 11.82 11.51
CA ARG B 52 36.81 11.99 10.45
C ARG B 52 36.10 12.68 9.30
N ASN B 53 36.84 13.11 8.27
CA ASN B 53 36.20 13.74 7.12
C ASN B 53 35.75 12.58 6.29
N THR B 54 34.44 12.39 6.22
CA THR B 54 33.89 11.27 5.48
C THR B 54 33.55 11.64 4.05
N ALA B 55 33.37 12.94 3.81
CA ALA B 55 32.98 13.41 2.50
C ALA B 55 31.65 12.77 2.14
N GLY B 56 30.90 12.37 3.17
CA GLY B 56 29.59 11.75 2.97
C GLY B 56 29.59 10.26 2.68
N VAL B 57 30.71 9.59 2.90
CA VAL B 57 30.84 8.16 2.64
C VAL B 57 31.49 7.43 3.81
N ILE B 58 31.02 6.22 4.14
CA ILE B 58 31.59 5.44 5.24
C ILE B 58 31.90 3.98 4.90
N THR B 59 32.60 3.30 5.80
CA THR B 59 32.95 1.89 5.60
C THR B 59 31.92 1.00 6.29
N LYS B 60 31.90 -0.27 5.91
CA LYS B 60 30.97 -1.22 6.50
C LYS B 60 31.15 -1.27 8.01
N ASP B 61 32.40 -1.22 8.46
CA ASP B 61 32.71 -1.23 9.89
C ASP B 61 32.15 0.00 10.59
N GLU B 62 32.29 1.15 9.96
CA GLU B 62 31.77 2.37 10.53
C GLU B 62 30.24 2.29 10.62
N ALA B 63 29.59 1.73 9.58
CA ALA B 63 28.13 1.57 9.58
C ALA B 63 27.71 0.67 10.75
N GLU B 64 28.46 -0.40 10.96
CA GLU B 64 28.16 -1.32 12.04
C GLU B 64 28.36 -0.70 13.42
N LYS B 65 29.35 0.19 13.54
CA LYS B 65 29.58 0.85 14.82
C LYS B 65 28.37 1.74 15.13
N LEU B 66 27.90 2.48 14.13
CA LEU B 66 26.74 3.33 14.36
C LEU B 66 25.52 2.46 14.71
N PHE B 67 25.46 1.29 14.07
CA PHE B 67 24.37 0.31 14.29
C PHE B 67 24.34 -0.12 15.76
N ASN B 68 25.50 -0.48 16.30
CA ASN B 68 25.57 -0.89 17.71
C ASN B 68 25.13 0.25 18.61
N GLN B 69 25.59 1.46 18.32
CA GLN B 69 25.19 2.61 19.14
C GLN B 69 23.69 2.82 19.05
N ASP B 70 23.15 2.69 17.85
CA ASP B 70 21.72 2.92 17.64
C ASP B 70 20.80 1.88 18.31
N VAL B 71 21.16 0.60 18.30
CA VAL B 71 20.37 -0.42 18.97
C VAL B 71 20.44 -0.13 20.48
N ASP B 72 21.65 0.14 20.97
CA ASP B 72 21.85 0.49 22.40
C ASP B 72 20.90 1.63 22.77
N ALA B 73 20.88 2.67 21.94
CA ALA B 73 20.02 3.80 22.20
C ALA B 73 18.53 3.43 22.21
N ALA B 74 18.12 2.52 21.33
CA ALA B 74 16.71 2.10 21.27
C ALA B 74 16.31 1.36 22.55
N VAL B 75 17.16 0.43 22.97
CA VAL B 75 16.92 -0.33 24.20
C VAL B 75 16.83 0.59 25.41
N ARG B 76 17.73 1.57 25.50
CA ARG B 76 17.67 2.48 26.64
C ARG B 76 16.40 3.32 26.62
N GLY B 77 15.98 3.73 25.44
CA GLY B 77 14.77 4.54 25.35
C GLY B 77 13.56 3.78 25.85
N ILE B 78 13.54 2.48 25.62
CA ILE B 78 12.43 1.67 26.06
C ILE B 78 12.48 1.53 27.57
N LEU B 79 13.65 1.23 28.11
CA LEU B 79 13.78 1.04 29.54
C LEU B 79 13.48 2.33 30.32
N ARG B 80 13.75 3.50 29.74
CA ARG B 80 13.49 4.73 30.47
C ARG B 80 12.06 5.26 30.35
N ASN B 81 11.33 4.82 29.33
CA ASN B 81 9.98 5.31 29.10
C ASN B 81 8.87 4.53 29.80
N ALA B 82 8.10 5.23 30.63
CA ALA B 82 7.00 4.64 31.39
C ALA B 82 5.92 4.01 30.51
N LYS B 83 5.71 4.52 29.30
CA LYS B 83 4.71 3.90 28.41
C LYS B 83 5.25 2.66 27.71
N LEU B 84 6.56 2.56 27.56
CA LEU B 84 7.15 1.42 26.86
C LEU B 84 7.69 0.28 27.72
N LYS B 85 8.36 0.62 28.82
CA LYS B 85 8.94 -0.41 29.67
C LYS B 85 7.99 -1.48 30.20
N PRO B 86 6.82 -1.08 30.71
CA PRO B 86 5.88 -2.08 31.23
C PRO B 86 5.42 -3.04 30.13
N VAL B 87 5.30 -2.52 28.90
CA VAL B 87 4.91 -3.37 27.79
C VAL B 87 6.07 -4.31 27.46
N TYR B 88 7.27 -3.73 27.40
CA TYR B 88 8.47 -4.49 27.10
C TYR B 88 8.64 -5.64 28.08
N ASP B 89 8.52 -5.33 29.38
CA ASP B 89 8.69 -6.37 30.39
C ASP B 89 7.68 -7.51 30.23
N SER B 90 6.48 -7.23 29.76
CA SER B 90 5.49 -8.29 29.65
C SER B 90 5.66 -9.22 28.46
N LEU B 91 6.44 -8.79 27.47
CA LEU B 91 6.64 -9.53 26.23
C LEU B 91 7.68 -10.62 26.24
N ASP B 92 7.47 -11.60 25.37
CA ASP B 92 8.41 -12.69 25.21
C ASP B 92 9.58 -12.08 24.42
N ALA B 93 10.63 -12.87 24.20
CA ALA B 93 11.83 -12.37 23.50
C ALA B 93 11.65 -11.91 22.06
N VAL B 94 10.84 -12.63 21.28
CA VAL B 94 10.62 -12.27 19.90
C VAL B 94 9.86 -10.94 19.83
N ARG B 95 8.80 -10.82 20.61
CA ARG B 95 8.03 -9.58 20.58
C ARG B 95 8.82 -8.41 21.15
N ARG B 96 9.78 -8.68 22.04
CA ARG B 96 10.61 -7.61 22.59
C ARG B 96 11.44 -7.03 21.44
N ALA B 97 11.96 -7.92 20.58
CA ALA B 97 12.73 -7.51 19.42
C ALA B 97 11.88 -6.62 18.50
N ALA B 98 10.64 -7.02 18.28
CA ALA B 98 9.75 -6.22 17.42
C ALA B 98 9.59 -4.80 17.99
N LEU B 99 9.44 -4.69 19.31
CA LEU B 99 9.30 -3.38 19.94
C LEU B 99 10.58 -2.55 19.77
N ILE B 100 11.74 -3.19 19.93
CA ILE B 100 13.01 -2.51 19.77
C ILE B 100 13.13 -2.00 18.32
N ASN B 101 12.76 -2.86 17.39
CA ASN B 101 12.79 -2.53 15.98
C ASN B 101 11.97 -1.23 15.74
N MET B 102 10.74 -1.20 16.26
CA MET B 102 9.91 -0.02 16.11
C MET B 102 10.57 1.25 16.67
N VAL B 103 11.15 1.15 17.87
CA VAL B 103 11.80 2.30 18.50
C VAL B 103 13.01 2.74 17.71
N PHE B 104 13.75 1.77 17.20
CA PHE B 104 14.92 2.05 16.41
C PHE B 104 14.51 2.83 15.18
N GLN B 105 13.41 2.41 14.56
CA GLN B 105 12.96 3.07 13.35
C GLN B 105 12.34 4.44 13.53
N MET B 106 11.44 4.60 14.51
CA MET B 106 10.77 5.89 14.66
C MET B 106 11.00 6.64 15.98
N GLY B 107 11.88 6.12 16.83
CA GLY B 107 12.14 6.80 18.09
C GLY B 107 11.13 6.49 19.17
N GLU B 108 11.63 6.60 20.41
CA GLU B 108 10.89 6.36 21.63
C GLU B 108 9.54 7.09 21.71
N THR B 109 9.58 8.40 21.47
CA THR B 109 8.38 9.22 21.50
C THR B 109 7.36 8.78 20.47
N GLY B 110 7.81 8.51 19.25
CA GLY B 110 6.88 8.05 18.24
C GLY B 110 6.25 6.72 18.64
N VAL B 111 7.05 5.77 19.13
CA VAL B 111 6.45 4.49 19.49
C VAL B 111 5.52 4.64 20.69
N ALA B 112 5.88 5.52 21.63
CA ALA B 112 5.04 5.73 22.80
C ALA B 112 3.68 6.26 22.39
N GLY B 113 3.56 6.75 21.16
CA GLY B 113 2.30 7.28 20.71
C GLY B 113 1.26 6.22 20.32
N PHE B 114 1.70 4.99 20.08
CA PHE B 114 0.78 3.91 19.71
C PHE B 114 0.13 3.44 20.99
N THR B 115 -0.58 4.35 21.65
CA THR B 115 -1.21 4.03 22.92
C THR B 115 -2.10 2.80 22.97
N ASN B 116 -3.02 2.65 22.02
CA ASN B 116 -3.91 1.50 22.08
C ASN B 116 -3.23 0.19 21.66
N SER B 117 -2.28 0.27 20.74
CA SER B 117 -1.55 -0.93 20.31
C SER B 117 -0.75 -1.46 21.51
N LEU B 118 -0.12 -0.55 22.25
CA LEU B 118 0.69 -0.92 23.40
C LEU B 118 -0.19 -1.62 24.45
N ARG B 119 -1.37 -1.05 24.70
CA ARG B 119 -2.31 -1.60 25.67
C ARG B 119 -2.69 -3.03 25.24
N MET B 120 -2.95 -3.22 23.94
CA MET B 120 -3.33 -4.52 23.39
C MET B 120 -2.18 -5.52 23.50
N LEU B 121 -0.96 -5.06 23.25
CA LEU B 121 0.19 -5.97 23.35
C LEU B 121 0.40 -6.37 24.79
N GLN B 122 0.24 -5.42 25.72
CA GLN B 122 0.41 -5.74 27.13
C GLN B 122 -0.64 -6.75 27.60
N GLN B 123 -1.81 -6.76 26.96
CA GLN B 123 -2.88 -7.70 27.33
C GLN B 123 -2.84 -8.98 26.51
N LYS B 124 -1.84 -9.12 25.66
CA LYS B 124 -1.69 -10.29 24.81
C LYS B 124 -2.84 -10.47 23.81
N ARG B 125 -3.48 -9.37 23.45
CA ARG B 125 -4.55 -9.42 22.47
C ARG B 125 -3.86 -9.20 21.12
N TRP B 126 -3.15 -10.24 20.68
CA TRP B 126 -2.35 -10.16 19.47
C TRP B 126 -3.02 -9.74 18.18
N ASP B 127 -4.17 -10.34 17.85
CA ASP B 127 -4.84 -9.98 16.62
C ASP B 127 -5.32 -8.54 16.64
N GLU B 128 -5.84 -8.08 17.77
CA GLU B 128 -6.30 -6.71 17.86
C GLU B 128 -5.12 -5.73 17.81
N ALA B 129 -3.99 -6.14 18.37
CA ALA B 129 -2.81 -5.27 18.36
C ALA B 129 -2.35 -5.05 16.91
N ALA B 130 -2.35 -6.13 16.14
CA ALA B 130 -1.96 -6.08 14.73
C ALA B 130 -2.83 -5.08 13.94
N VAL B 131 -4.15 -5.15 14.10
CA VAL B 131 -5.02 -4.23 13.40
C VAL B 131 -4.77 -2.77 13.81
N ASN B 132 -4.62 -2.53 15.11
CA ASN B 132 -4.37 -1.18 15.60
C ASN B 132 -3.03 -0.63 15.16
N LEU B 133 -2.02 -1.49 15.09
CA LEU B 133 -0.70 -1.05 14.68
C LEU B 133 -0.74 -0.50 13.27
N ALA B 134 -1.61 -1.07 12.45
CA ALA B 134 -1.73 -0.66 11.07
C ALA B 134 -2.43 0.69 10.84
N LYS B 135 -3.10 1.22 11.85
CA LYS B 135 -3.79 2.49 11.71
C LYS B 135 -2.73 3.52 12.06
N SER B 136 -1.75 3.67 11.19
CA SER B 136 -0.64 4.58 11.45
C SER B 136 0.00 4.98 10.14
N ARG B 137 0.70 6.11 10.16
CA ARG B 137 1.41 6.59 8.98
C ARG B 137 2.55 5.60 8.70
N TRP B 138 3.05 5.01 9.78
CA TRP B 138 4.14 4.02 9.66
C TRP B 138 3.77 2.91 8.67
N TYR B 139 2.59 2.33 8.85
CA TYR B 139 2.10 1.23 8.00
C TYR B 139 1.95 1.64 6.53
N ASN B 140 1.57 2.88 6.32
CA ASN B 140 1.38 3.41 4.98
C ASN B 140 2.67 3.82 4.28
N GLN B 141 3.65 4.34 5.00
CA GLN B 141 4.88 4.79 4.34
C GLN B 141 5.96 3.73 4.24
N THR B 142 5.99 2.75 5.15
CA THR B 142 6.94 1.64 5.02
C THR B 142 6.13 0.37 5.31
N PRO B 143 5.23 0.03 4.37
CA PRO B 143 4.36 -1.15 4.47
C PRO B 143 4.99 -2.52 4.60
N ASN B 144 6.07 -2.75 3.88
CA ASN B 144 6.72 -4.06 3.92
C ASN B 144 7.33 -4.33 5.27
N ARG B 145 8.09 -3.37 5.75
CA ARG B 145 8.73 -3.49 7.04
C ARG B 145 7.68 -3.52 8.13
N ALA B 146 6.65 -2.67 8.02
CA ALA B 146 5.60 -2.62 9.06
C ALA B 146 4.88 -3.96 9.12
N LYS B 147 4.57 -4.50 7.95
CA LYS B 147 3.94 -5.82 7.91
C LYS B 147 4.80 -6.90 8.63
N ARG B 148 6.10 -6.93 8.36
CA ARG B 148 6.96 -7.94 9.02
C ARG B 148 6.95 -7.74 10.55
N VAL B 149 7.01 -6.49 10.96
CA VAL B 149 7.00 -6.24 12.39
C VAL B 149 5.65 -6.62 12.99
N ILE B 150 4.58 -6.12 12.37
CA ILE B 150 3.23 -6.41 12.82
C ILE B 150 2.97 -7.93 12.88
N THR B 151 3.35 -8.66 11.84
CA THR B 151 3.10 -10.09 11.92
C THR B 151 3.97 -10.76 12.98
N THR B 152 5.13 -10.17 13.30
CA THR B 152 5.97 -10.75 14.36
C THR B 152 5.26 -10.52 15.71
N PHE B 153 4.64 -9.36 15.87
CA PHE B 153 3.93 -9.10 17.10
C PHE B 153 2.74 -10.06 17.21
N ARG B 154 2.09 -10.32 16.08
CA ARG B 154 0.94 -11.18 16.14
C ARG B 154 1.30 -12.63 16.44
N THR B 155 2.26 -13.17 15.71
CA THR B 155 2.62 -14.58 15.92
C THR B 155 3.62 -14.90 17.03
N GLY B 156 4.55 -14.00 17.31
CA GLY B 156 5.55 -14.30 18.31
C GLY B 156 6.62 -15.21 17.72
N THR B 157 6.65 -15.33 16.40
CA THR B 157 7.65 -16.18 15.75
C THR B 157 8.48 -15.28 14.84
N TRP B 158 9.58 -15.82 14.32
CA TRP B 158 10.48 -15.11 13.42
C TRP B 158 10.13 -15.40 11.95
N ASP B 159 8.98 -16.02 11.73
CA ASP B 159 8.56 -16.38 10.39
C ASP B 159 8.66 -15.30 9.31
N ALA B 160 8.27 -14.07 9.65
CA ALA B 160 8.33 -13.01 8.65
C ALA B 160 9.73 -12.66 8.24
N TYR B 161 10.74 -13.12 8.98
CA TYR B 161 12.12 -12.81 8.63
C TYR B 161 12.93 -14.01 8.18
N LYS B 162 12.25 -15.11 7.91
CA LYS B 162 12.95 -16.31 7.49
C LYS B 162 12.48 -16.83 6.15
N ASN B 163 12.99 -16.22 5.08
CA ASN B 163 12.65 -16.63 3.72
C ASN B 163 12.79 -18.14 3.69
N LEU B 164 13.96 -18.61 4.14
CA LEU B 164 14.25 -20.03 4.21
C LEU B 164 13.88 -20.50 5.61
N MET C 1 10.18 2.48 -0.71
CA MET C 1 9.91 3.50 -1.76
C MET C 1 10.15 4.88 -1.15
N ASN C 2 10.59 5.83 -1.95
CA ASN C 2 10.79 7.18 -1.45
C ASN C 2 10.63 8.15 -2.60
N ILE C 3 10.83 9.43 -2.32
CA ILE C 3 10.63 10.44 -3.34
C ILE C 3 11.63 10.34 -4.50
N PHE C 4 12.85 9.90 -4.23
CA PHE C 4 13.84 9.71 -5.31
C PHE C 4 13.23 8.72 -6.32
N GLU C 5 12.79 7.56 -5.83
CA GLU C 5 12.20 6.52 -6.69
C GLU C 5 10.93 7.03 -7.34
N MET C 6 10.09 7.71 -6.57
CA MET C 6 8.86 8.22 -7.14
C MET C 6 9.11 9.16 -8.34
N LEU C 7 9.97 10.16 -8.15
CA LEU C 7 10.24 11.10 -9.23
C LEU C 7 11.04 10.45 -10.39
N ARG C 8 11.86 9.47 -10.07
CA ARG C 8 12.61 8.75 -11.10
C ARG C 8 11.59 8.15 -12.04
N ILE C 9 10.51 7.61 -11.48
CA ILE C 9 9.47 7.02 -12.31
C ILE C 9 8.74 8.08 -13.12
N ASP C 10 8.40 9.20 -12.49
CA ASP C 10 7.67 10.22 -13.23
C ASP C 10 8.49 11.06 -14.18
N GLU C 11 9.77 11.26 -13.87
CA GLU C 11 10.59 12.09 -14.74
C GLU C 11 11.84 11.41 -15.28
N GLY C 12 12.06 10.16 -14.89
CA GLY C 12 13.24 9.44 -15.35
C GLY C 12 14.52 9.99 -14.75
N LEU C 13 15.56 9.17 -14.81
CA LEU C 13 16.88 9.53 -14.30
C LEU C 13 17.79 9.52 -15.53
N ARG C 14 18.21 10.69 -15.98
CA ARG C 14 19.04 10.75 -17.17
C ARG C 14 20.48 11.16 -16.83
N LEU C 15 21.42 10.35 -17.29
CA LEU C 15 22.81 10.61 -17.00
C LEU C 15 23.41 11.54 -18.04
N LYS C 16 22.70 11.74 -19.14
CA LYS C 16 23.19 12.62 -20.19
C LYS C 16 22.20 13.77 -20.42
N ILE C 17 22.71 14.89 -20.92
CA ILE C 17 21.89 16.06 -21.21
C ILE C 17 20.77 15.57 -22.11
N TYR C 18 19.53 15.91 -21.77
CA TYR C 18 18.42 15.50 -22.61
C TYR C 18 17.48 16.66 -22.84
N LYS C 19 16.82 16.60 -23.99
CA LYS C 19 15.91 17.63 -24.45
C LYS C 19 14.51 17.14 -24.14
N ASP C 20 13.82 17.85 -23.24
CA ASP C 20 12.46 17.47 -22.87
C ASP C 20 11.51 17.92 -23.98
N THR C 21 10.24 17.57 -23.84
CA THR C 21 9.22 17.92 -24.82
C THR C 21 8.97 19.42 -24.97
N GLU C 22 9.72 20.24 -24.25
CA GLU C 22 9.58 21.70 -24.34
C GLU C 22 10.83 22.21 -25.04
N GLY C 23 11.69 21.27 -25.42
CA GLY C 23 12.94 21.62 -26.08
C GLY C 23 13.94 22.12 -25.06
N TYR C 24 13.65 21.93 -23.77
CA TYR C 24 14.54 22.38 -22.69
C TYR C 24 15.60 21.33 -22.32
N TYR C 25 16.83 21.79 -22.10
CA TYR C 25 17.93 20.90 -21.76
C TYR C 25 17.99 20.57 -20.28
N THR C 26 17.74 19.30 -19.97
CA THR C 26 17.72 18.84 -18.59
C THR C 26 18.66 17.66 -18.37
N ILE C 27 18.77 17.23 -17.12
CA ILE C 27 19.64 16.12 -16.75
C ILE C 27 19.18 15.55 -15.40
N GLY C 28 19.67 14.35 -15.05
CA GLY C 28 19.32 13.71 -13.80
C GLY C 28 17.83 13.46 -13.68
N ILE C 29 17.27 13.77 -12.52
CA ILE C 29 15.85 13.60 -12.31
C ILE C 29 15.21 14.96 -12.51
N GLY C 30 14.80 15.23 -13.74
CA GLY C 30 14.17 16.49 -14.09
C GLY C 30 14.89 17.77 -13.68
N HIS C 31 16.22 17.77 -13.69
CA HIS C 31 16.94 18.99 -13.33
C HIS C 31 17.09 19.87 -14.58
N LEU C 32 16.39 20.99 -14.60
CA LEU C 32 16.49 21.93 -15.72
C LEU C 32 17.87 22.58 -15.75
N LEU C 33 18.52 22.54 -16.90
CA LEU C 33 19.84 23.15 -17.05
C LEU C 33 19.67 24.54 -17.66
N THR C 34 18.90 24.61 -18.74
CA THR C 34 18.64 25.88 -19.43
C THR C 34 17.55 25.74 -20.48
N LYS C 35 16.86 26.84 -20.72
CA LYS C 35 15.80 26.89 -21.74
C LYS C 35 16.40 27.49 -23.00
N SER C 36 17.71 27.72 -22.99
CA SER C 36 18.42 28.25 -24.14
C SER C 36 18.42 27.13 -25.18
N PRO C 37 18.29 27.47 -26.48
CA PRO C 37 18.27 26.47 -27.56
C PRO C 37 19.67 25.86 -27.73
N SER C 38 20.60 26.36 -26.92
CA SER C 38 21.98 25.91 -26.97
C SER C 38 22.33 24.71 -26.11
N LEU C 39 22.88 23.68 -26.76
CA LEU C 39 23.31 22.49 -26.05
C LEU C 39 24.64 22.85 -25.40
N ASN C 40 25.28 23.88 -25.95
CA ASN C 40 26.57 24.34 -25.44
C ASN C 40 26.33 25.08 -24.12
N ALA C 41 25.25 25.85 -24.08
CA ALA C 41 24.91 26.61 -22.88
C ALA C 41 24.57 25.64 -21.75
N ALA C 42 23.77 24.62 -22.07
CA ALA C 42 23.40 23.62 -21.09
C ALA C 42 24.65 23.05 -20.44
N LYS C 43 25.65 22.68 -21.26
CA LYS C 43 26.90 22.12 -20.75
C LYS C 43 27.64 23.07 -19.83
N CYS C 44 27.53 24.36 -20.11
CA CYS C 44 28.19 25.36 -19.30
C CYS C 44 27.68 25.33 -17.86
N GLU C 45 26.36 25.25 -17.72
CA GLU C 45 25.75 25.21 -16.39
C GLU C 45 25.87 23.84 -15.73
N LEU C 46 25.86 22.78 -16.53
CA LEU C 46 25.99 21.46 -15.96
C LEU C 46 27.34 21.37 -15.28
N ASP C 47 28.40 21.80 -15.97
CA ASP C 47 29.73 21.74 -15.38
C ASP C 47 29.80 22.59 -14.13
N LYS C 48 29.11 23.72 -14.15
CA LYS C 48 29.11 24.58 -12.97
C LYS C 48 28.31 23.84 -11.90
N ALA C 49 27.11 23.41 -12.26
CA ALA C 49 26.23 22.68 -11.33
C ALA C 49 26.94 21.53 -10.64
N ILE C 50 27.68 20.74 -11.43
CA ILE C 50 28.39 19.57 -10.91
C ILE C 50 29.76 19.95 -10.40
N GLY C 51 30.29 21.05 -10.94
CA GLY C 51 31.60 21.50 -10.51
C GLY C 51 32.74 20.73 -11.16
N ARG C 52 32.62 20.46 -12.45
CA ARG C 52 33.65 19.77 -13.22
C ARG C 52 33.26 19.75 -14.68
N ASN C 53 34.23 19.43 -15.52
CA ASN C 53 34.01 19.35 -16.95
C ASN C 53 33.41 17.97 -17.21
N THR C 54 32.10 17.94 -17.41
CA THR C 54 31.35 16.70 -17.61
C THR C 54 31.16 16.22 -19.05
N ALA C 55 31.38 17.10 -20.02
CA ALA C 55 31.17 16.73 -21.41
C ALA C 55 29.70 16.30 -21.54
N GLY C 56 28.86 16.83 -20.65
CA GLY C 56 27.43 16.54 -20.67
C GLY C 56 26.96 15.22 -20.08
N VAL C 57 27.82 14.50 -19.37
CA VAL C 57 27.44 13.21 -18.78
C VAL C 57 27.84 13.20 -17.30
N ILE C 58 26.94 12.75 -16.44
CA ILE C 58 27.25 12.67 -15.01
C ILE C 58 26.96 11.26 -14.49
N THR C 59 27.40 10.96 -13.28
CA THR C 59 27.14 9.65 -12.71
C THR C 59 25.84 9.70 -11.95
N LYS C 60 25.36 8.52 -11.56
CA LYS C 60 24.14 8.41 -10.82
C LYS C 60 24.26 9.09 -9.45
N ASP C 61 25.45 9.03 -8.86
CA ASP C 61 25.67 9.68 -7.57
C ASP C 61 25.55 11.19 -7.73
N GLU C 62 26.13 11.73 -8.80
CA GLU C 62 26.06 13.16 -9.02
C GLU C 62 24.61 13.56 -9.23
N ALA C 63 23.86 12.69 -9.91
CA ALA C 63 22.45 12.91 -10.21
C ALA C 63 21.65 12.90 -8.91
N GLU C 64 22.02 11.98 -8.03
CA GLU C 64 21.37 11.87 -6.72
C GLU C 64 21.64 13.11 -5.90
N LYS C 65 22.86 13.62 -5.98
CA LYS C 65 23.22 14.82 -5.23
C LYS C 65 22.41 16.02 -5.73
N LEU C 66 22.36 16.21 -7.05
CA LEU C 66 21.58 17.31 -7.60
C LEU C 66 20.13 17.16 -7.19
N PHE C 67 19.63 15.93 -7.21
CA PHE C 67 18.24 15.70 -6.84
C PHE C 67 17.96 16.08 -5.39
N ASN C 68 18.83 15.64 -4.49
CA ASN C 68 18.68 15.92 -3.07
C ASN C 68 18.71 17.43 -2.85
N GLN C 69 19.56 18.12 -3.59
CA GLN C 69 19.64 19.56 -3.46
C GLN C 69 18.36 20.19 -4.01
N ASP C 70 17.81 19.63 -5.09
CA ASP C 70 16.59 20.15 -5.70
C ASP C 70 15.38 19.95 -4.78
N VAL C 71 15.34 18.82 -4.08
CA VAL C 71 14.24 18.55 -3.16
C VAL C 71 14.30 19.54 -1.99
N ASP C 72 15.48 19.72 -1.43
CA ASP C 72 15.66 20.64 -0.31
C ASP C 72 15.25 22.06 -0.75
N ALA C 73 15.62 22.45 -1.96
CA ALA C 73 15.27 23.76 -2.44
C ALA C 73 13.75 23.86 -2.58
N ALA C 74 13.11 22.79 -3.05
CA ALA C 74 11.65 22.79 -3.20
C ALA C 74 10.97 22.96 -1.85
N VAL C 75 11.46 22.25 -0.83
CA VAL C 75 10.89 22.31 0.52
C VAL C 75 11.01 23.72 1.08
N ARG C 76 12.22 24.27 1.07
CA ARG C 76 12.44 25.63 1.58
C ARG C 76 11.48 26.59 0.88
N GLY C 77 11.32 26.42 -0.43
CA GLY C 77 10.41 27.29 -1.16
C GLY C 77 8.97 27.16 -0.68
N ILE C 78 8.53 25.93 -0.52
CA ILE C 78 7.18 25.66 -0.05
C ILE C 78 6.92 26.29 1.31
N LEU C 79 7.90 26.20 2.19
CA LEU C 79 7.78 26.76 3.54
C LEU C 79 7.73 28.28 3.50
N ARG C 80 8.28 28.87 2.45
CA ARG C 80 8.27 30.32 2.35
C ARG C 80 7.07 30.80 1.53
N ASN C 81 6.28 29.87 1.01
CA ASN C 81 5.10 30.25 0.25
C ASN C 81 3.91 30.18 1.19
N ALA C 82 3.19 31.29 1.31
CA ALA C 82 2.04 31.37 2.19
C ALA C 82 0.89 30.47 1.78
N LYS C 83 0.73 30.25 0.48
CA LYS C 83 -0.36 29.40 0.02
C LYS C 83 -0.02 27.91 0.11
N LEU C 84 1.25 27.59 0.31
CA LEU C 84 1.66 26.19 0.38
C LEU C 84 2.06 25.67 1.74
N LYS C 85 2.68 26.52 2.55
CA LYS C 85 3.12 26.08 3.87
C LYS C 85 2.08 25.34 4.73
N PRO C 86 0.88 25.91 4.89
CA PRO C 86 -0.19 25.30 5.70
C PRO C 86 -0.55 23.89 5.27
N VAL C 87 -0.83 23.72 3.98
CA VAL C 87 -1.17 22.40 3.48
C VAL C 87 0.05 21.47 3.65
N TYR C 88 1.25 21.94 3.30
CA TYR C 88 2.43 21.08 3.44
C TYR C 88 2.62 20.68 4.90
N ASP C 89 2.51 21.67 5.78
CA ASP C 89 2.65 21.42 7.19
C ASP C 89 1.68 20.34 7.66
N SER C 90 0.45 20.40 7.20
CA SER C 90 -0.57 19.42 7.62
C SER C 90 -0.45 18.00 7.03
N LEU C 91 0.22 17.86 5.89
CA LEU C 91 0.33 16.54 5.26
C LEU C 91 1.37 15.59 5.84
N ASP C 92 1.06 14.30 5.75
CA ASP C 92 1.97 13.22 6.17
C ASP C 92 3.10 13.16 5.13
N ALA C 93 4.12 12.34 5.36
CA ALA C 93 5.27 12.22 4.46
C ALA C 93 5.00 11.73 3.04
N VAL C 94 4.13 10.75 2.88
CA VAL C 94 3.85 10.25 1.56
C VAL C 94 3.15 11.35 0.75
N ARG C 95 2.17 12.04 1.35
CA ARG C 95 1.47 13.09 0.61
C ARG C 95 2.37 14.30 0.39
N ARG C 96 3.35 14.50 1.27
CA ARG C 96 4.26 15.63 1.05
C ARG C 96 5.07 15.34 -0.20
N ALA C 97 5.43 14.06 -0.39
CA ALA C 97 6.21 13.68 -1.56
C ALA C 97 5.39 13.96 -2.80
N ALA C 98 4.11 13.66 -2.74
CA ALA C 98 3.22 13.90 -3.85
C ALA C 98 3.16 15.41 -4.15
N LEU C 99 3.11 16.25 -3.12
CA LEU C 99 3.04 17.70 -3.34
C LEU C 99 4.37 18.18 -3.96
N ILE C 100 5.47 17.70 -3.43
CA ILE C 100 6.77 18.04 -3.98
C ILE C 100 6.83 17.58 -5.43
N ASN C 101 6.28 16.41 -5.71
CA ASN C 101 6.26 15.91 -7.08
C ASN C 101 5.61 16.98 -7.98
N MET C 102 4.46 17.50 -7.55
CA MET C 102 3.75 18.52 -8.31
C MET C 102 4.62 19.76 -8.57
N VAL C 103 5.41 20.17 -7.58
CA VAL C 103 6.30 21.33 -7.71
C VAL C 103 7.41 21.08 -8.74
N PHE C 104 7.90 19.85 -8.81
CA PHE C 104 8.94 19.49 -9.77
C PHE C 104 8.38 19.59 -11.18
N GLN C 105 7.13 19.21 -11.35
CA GLN C 105 6.52 19.27 -12.66
C GLN C 105 6.11 20.66 -13.14
N MET C 106 5.50 21.45 -12.27
CA MET C 106 5.02 22.75 -12.68
C MET C 106 5.52 23.98 -11.95
N GLY C 107 6.37 23.80 -10.96
CA GLY C 107 6.88 24.94 -10.22
C GLY C 107 5.95 25.36 -9.10
N GLU C 108 6.53 26.00 -8.10
CA GLU C 108 5.83 26.46 -6.92
C GLU C 108 4.59 27.26 -7.25
N THR C 109 4.78 28.27 -8.08
CA THR C 109 3.71 29.16 -8.48
C THR C 109 2.54 28.42 -9.10
N GLY C 110 2.81 27.45 -9.97
CA GLY C 110 1.71 26.70 -10.56
C GLY C 110 0.98 25.81 -9.54
N VAL C 111 1.71 25.18 -8.63
CA VAL C 111 1.02 24.33 -7.65
C VAL C 111 0.18 25.22 -6.70
N ALA C 112 0.72 26.38 -6.34
CA ALA C 112 -0.01 27.28 -5.45
C ALA C 112 -1.31 27.75 -6.10
N GLY C 113 -1.50 27.49 -7.39
CA GLY C 113 -2.72 27.88 -8.08
C GLY C 113 -3.92 26.96 -7.85
N PHE C 114 -3.70 25.78 -7.27
CA PHE C 114 -4.80 24.86 -6.98
C PHE C 114 -5.38 25.19 -5.61
N THR C 115 -5.86 26.41 -5.46
CA THR C 115 -6.44 26.88 -4.21
C THR C 115 -7.45 25.93 -3.56
N ASN C 116 -8.52 25.59 -4.28
CA ASN C 116 -9.56 24.69 -3.74
C ASN C 116 -8.99 23.32 -3.35
N SER C 117 -8.27 22.70 -4.26
CA SER C 117 -7.68 21.39 -3.97
C SER C 117 -6.78 21.38 -2.74
N LEU C 118 -5.92 22.39 -2.60
CA LEU C 118 -5.01 22.47 -1.47
C LEU C 118 -5.77 22.56 -0.14
N ARG C 119 -6.85 23.32 -0.15
CA ARG C 119 -7.69 23.49 1.01
C ARG C 119 -8.30 22.13 1.36
N MET C 120 -8.70 21.37 0.33
CA MET C 120 -9.28 20.04 0.56
C MET C 120 -8.22 19.07 1.13
N LEU C 121 -6.99 19.17 0.63
CA LEU C 121 -5.90 18.32 1.15
C LEU C 121 -5.63 18.71 2.59
N GLN C 122 -5.62 20.01 2.85
CA GLN C 122 -5.37 20.51 4.18
C GLN C 122 -6.41 20.01 5.18
N GLN C 123 -7.63 19.83 4.71
CA GLN C 123 -8.72 19.37 5.57
C GLN C 123 -8.84 17.87 5.56
N LYS C 124 -7.85 17.23 4.93
CA LYS C 124 -7.81 15.79 4.79
C LYS C 124 -9.07 15.23 4.13
N ARG C 125 -9.60 15.96 3.15
CA ARG C 125 -10.77 15.47 2.42
C ARG C 125 -10.16 14.92 1.14
N TRP C 126 -9.46 13.80 1.29
CA TRP C 126 -8.74 13.17 0.20
C TRP C 126 -9.53 12.93 -1.08
N ASP C 127 -10.73 12.35 -0.97
CA ASP C 127 -11.52 12.10 -2.17
C ASP C 127 -11.98 13.38 -2.87
N GLU C 128 -12.37 14.37 -2.08
CA GLU C 128 -12.81 15.63 -2.65
C GLU C 128 -11.63 16.31 -3.34
N ALA C 129 -10.46 16.24 -2.73
CA ALA C 129 -9.29 16.85 -3.32
C ALA C 129 -8.98 16.14 -4.62
N ALA C 130 -9.07 14.81 -4.60
CA ALA C 130 -8.79 13.99 -5.77
C ALA C 130 -9.74 14.23 -6.96
N VAL C 131 -11.04 14.26 -6.70
CA VAL C 131 -12.02 14.49 -7.75
C VAL C 131 -11.77 15.88 -8.34
N ASN C 132 -11.34 16.80 -7.50
CA ASN C 132 -11.07 18.16 -7.90
C ASN C 132 -9.80 18.30 -8.73
N LEU C 133 -8.73 17.63 -8.31
CA LEU C 133 -7.47 17.69 -9.02
C LEU C 133 -7.57 17.08 -10.41
N ALA C 134 -8.40 16.06 -10.57
CA ALA C 134 -8.55 15.39 -11.86
C ALA C 134 -9.27 16.23 -12.91
N LYS C 135 -9.80 17.38 -12.52
CA LYS C 135 -10.52 18.23 -13.46
C LYS C 135 -9.63 19.35 -13.94
N SER C 136 -8.39 19.35 -13.47
CA SER C 136 -7.42 20.36 -13.83
C SER C 136 -6.87 20.16 -15.24
N ARG C 137 -6.21 21.19 -15.77
CA ARG C 137 -5.64 21.08 -17.10
C ARG C 137 -4.41 20.19 -16.98
N TRP C 138 -3.83 20.17 -15.78
CA TRP C 138 -2.65 19.34 -15.48
C TRP C 138 -3.02 17.87 -15.76
N TYR C 139 -4.21 17.48 -15.32
CA TYR C 139 -4.67 16.12 -15.49
C TYR C 139 -4.79 15.80 -16.96
N ASN C 140 -5.37 16.71 -17.72
CA ASN C 140 -5.55 16.51 -19.15
C ASN C 140 -4.25 16.43 -19.95
N GLN C 141 -3.23 17.19 -19.55
CA GLN C 141 -1.97 17.16 -20.30
C GLN C 141 -1.07 15.98 -19.97
N THR C 142 -1.10 15.53 -18.72
CA THR C 142 -0.28 14.39 -18.31
C THR C 142 -1.15 13.55 -17.37
N PRO C 143 -2.17 12.88 -17.93
CA PRO C 143 -3.09 12.04 -17.17
C PRO C 143 -2.49 10.89 -16.39
N ASN C 144 -1.49 10.23 -16.96
CA ASN C 144 -0.84 9.08 -16.33
C ASN C 144 -0.12 9.49 -15.03
N ARG C 145 0.72 10.51 -15.13
CA ARG C 145 1.46 11.01 -13.97
C ARG C 145 0.48 11.68 -12.99
N ALA C 146 -0.47 12.44 -13.51
CA ALA C 146 -1.42 13.12 -12.66
C ALA C 146 -2.25 12.09 -11.88
N LYS C 147 -2.63 11.00 -12.54
CA LYS C 147 -3.40 9.98 -11.84
C LYS C 147 -2.55 9.33 -10.76
N ARG C 148 -1.27 9.13 -11.02
CA ARG C 148 -0.42 8.52 -10.00
C ARG C 148 -0.32 9.41 -8.78
N VAL C 149 -0.10 10.71 -9.03
CA VAL C 149 0.06 11.67 -7.96
C VAL C 149 -1.24 11.82 -7.16
N ILE C 150 -2.35 11.95 -7.87
CA ILE C 150 -3.65 12.09 -7.24
C ILE C 150 -3.99 10.84 -6.43
N THR C 151 -3.75 9.66 -6.99
CA THR C 151 -4.07 8.44 -6.24
C THR C 151 -3.25 8.39 -4.94
N THR C 152 -2.06 9.00 -4.96
CA THR C 152 -1.21 9.03 -3.78
C THR C 152 -1.89 9.91 -2.71
N PHE C 153 -2.48 11.03 -3.13
CA PHE C 153 -3.18 11.87 -2.17
C PHE C 153 -4.39 11.11 -1.61
N ARG C 154 -5.02 10.28 -2.43
CA ARG C 154 -6.17 9.51 -2.01
C ARG C 154 -5.84 8.45 -0.98
N THR C 155 -4.77 7.67 -1.21
CA THR C 155 -4.44 6.57 -0.30
C THR C 155 -3.44 6.84 0.81
N GLY C 156 -2.55 7.80 0.61
CA GLY C 156 -1.54 8.05 1.63
C GLY C 156 -0.49 6.95 1.58
N THR C 157 -0.45 6.17 0.50
CA THR C 157 0.53 5.09 0.32
C THR C 157 1.30 5.32 -0.98
N TRP C 158 2.38 4.55 -1.17
CA TRP C 158 3.21 4.64 -2.37
C TRP C 158 2.72 3.68 -3.47
N ASP C 159 1.58 3.05 -3.25
CA ASP C 159 1.07 2.02 -4.18
C ASP C 159 0.96 2.36 -5.67
N ALA C 160 0.74 3.63 -5.98
CA ALA C 160 0.65 4.04 -7.38
C ALA C 160 2.02 4.03 -8.07
N TYR C 161 3.08 3.82 -7.31
CA TYR C 161 4.41 3.79 -7.90
C TYR C 161 5.01 2.38 -7.78
N LYS C 162 4.15 1.41 -7.47
CA LYS C 162 4.58 0.03 -7.29
C LYS C 162 4.01 -0.92 -8.34
N ASN C 163 4.78 -1.93 -8.67
CA ASN C 163 4.41 -2.91 -9.69
C ASN C 163 3.98 -2.14 -10.91
N LEU C 164 4.83 -1.19 -11.29
CA LEU C 164 4.64 -0.28 -12.41
C LEU C 164 4.04 1.04 -11.93
O1 MTN D . -2.05 -9.83 8.04
N1 MTN D . -2.15 -8.86 8.74
C1 MTN D . -3.14 -8.93 9.95
C2 MTN D . -3.21 -7.44 10.23
C3 MTN D . -2.52 -6.65 9.39
C4 MTN D . -2.51 -5.06 9.36
S1 MTN D . -3.81 -4.28 8.38
C5 MTN D . -1.77 -7.51 8.34
C6 MTN D . -0.18 -7.40 8.29
C7 MTN D . -2.41 -7.24 6.98
C8 MTN D . -4.53 -9.56 9.51
C9 MTN D . -2.52 -9.74 11.17
C1 HED E . -7.12 0.28 10.77
O1 HED E . -6.88 -0.60 11.88
C2 HED E . -6.16 -0.14 9.73
S3 HED E . -6.48 0.47 8.05
S4 HED E . -4.81 -0.52 7.44
C5 HED E . -5.46 -1.86 6.38
C6 HED E . -5.84 -1.34 4.98
O6 HED E . -4.65 -0.92 4.34
C1 HED F . 29.44 21.47 3.41
O1 HED F . 28.88 22.51 4.21
C2 HED F . 30.43 20.76 4.25
S3 HED F . 30.98 19.23 3.46
S4 HED F . 32.26 18.67 4.95
C5 HED F . 31.57 17.14 5.63
C6 HED F . 32.08 15.91 4.84
O6 HED F . 33.46 15.73 5.14
O1 MTN G . 30.82 19.05 14.56
N1 MTN G . 30.81 19.68 13.56
C1 MTN G . 29.52 20.50 13.17
C2 MTN G . 29.97 20.93 11.81
C3 MTN G . 31.19 20.49 11.43
C4 MTN G . 31.84 20.67 10.01
S1 MTN G . 31.25 19.58 8.70
C5 MTN G . 31.83 19.61 12.52
C6 MTN G . 33.24 20.06 13.13
C7 MTN G . 31.84 18.19 11.98
C8 MTN G . 28.21 19.61 13.13
C9 MTN G . 29.31 21.73 14.15
C1 HED H . 17.58 -8.14 23.19
O1 HED H . 16.87 -8.23 21.95
C2 HED H . 18.93 -7.74 22.81
S3 HED H . 19.72 -6.66 24.03
S4 HED H . 21.41 -6.53 22.88
C5 HED H . 21.38 -4.83 22.22
C6 HED H . 22.35 -3.89 22.96
O6 HED H . 23.68 -4.31 22.60
O1 MTN I . 28.23 34.42 -20.25
N1 MTN I . 27.98 33.46 -19.61
C1 MTN I . 28.88 33.13 -18.36
C2 MTN I . 28.19 31.90 -17.92
C3 MTN I . 27.18 31.50 -18.70
C4 MTN I . 26.36 30.14 -18.57
S1 MTN I . 27.19 28.79 -17.70
C5 MTN I . 26.92 32.50 -19.87
C6 MTN I . 25.50 33.22 -19.92
C7 MTN I . 27.26 31.78 -21.16
C8 MTN I . 30.39 32.85 -18.75
C9 MTN I . 28.78 34.27 -17.26
#